data_2R0F
#
_entry.id   2R0F
#
_cell.length_a   112.375
_cell.length_b   112.375
_cell.length_c   175.664
_cell.angle_alpha   90.00
_cell.angle_beta   90.00
_cell.angle_gamma   120.00
#
_symmetry.space_group_name_H-M   'P 61 2 2'
#
loop_
_entity.id
_entity.type
_entity.pdbx_description
1 polymer 'CGL3 lectin'
2 water water
#
_entity_poly.entity_id   1
_entity_poly.type   'polypeptide(L)'
_entity_poly.pdbx_seq_one_letter_code
;MFHILRLESTVDLSEPLKDNGIIVFQSDKLDLEPSPNLGPTGIDNTNVNLINAKGDVLLHIGIRRRENAFVFNSIPYGES
RGPEERIPLEGTFGDRRDPSITIFDHPDRYQIMIDYKTVYYYKKRLEGRCEKVSYKINEGQTPPFSDVLGVTVLYFANVM
PRAN
;
_entity_poly.pdbx_strand_id   A,B
#
# COMPACT_ATOMS: atom_id res chain seq x y z
N MET A 1 -5.41 -12.38 -11.09
CA MET A 1 -4.87 -13.54 -11.86
C MET A 1 -4.19 -14.52 -10.91
N PHE A 2 -4.65 -15.76 -10.93
CA PHE A 2 -4.11 -16.82 -10.09
C PHE A 2 -3.06 -17.65 -10.84
N HIS A 3 -2.04 -18.10 -10.14
CA HIS A 3 -1.00 -18.95 -10.75
C HIS A 3 -0.66 -20.04 -9.74
N ILE A 4 -0.31 -21.22 -10.26
CA ILE A 4 0.15 -22.34 -9.43
C ILE A 4 1.67 -22.37 -9.49
N LEU A 5 2.33 -22.21 -8.34
CA LEU A 5 3.79 -22.17 -8.29
C LEU A 5 4.42 -23.34 -7.52
N ARG A 6 4.87 -24.35 -8.26
CA ARG A 6 5.49 -25.55 -7.67
C ARG A 6 6.93 -25.32 -7.21
N LEU A 7 7.32 -26.03 -6.16
CA LEU A 7 8.66 -25.94 -5.59
C LEU A 7 9.72 -26.19 -6.65
N GLU A 8 10.72 -25.31 -6.69
CA GLU A 8 11.82 -25.42 -7.66
C GLU A 8 11.36 -25.21 -9.10
N SER A 9 10.54 -24.19 -9.33
CA SER A 9 10.08 -23.90 -10.67
C SER A 9 9.92 -22.40 -10.81
N THR A 10 9.72 -21.95 -12.04
CA THR A 10 9.54 -20.53 -12.31
C THR A 10 8.30 -20.40 -13.18
N VAL A 11 7.47 -19.40 -12.89
CA VAL A 11 6.25 -19.20 -13.65
C VAL A 11 6.17 -17.79 -14.20
N ASP A 12 5.75 -17.67 -15.45
CA ASP A 12 5.63 -16.36 -16.07
C ASP A 12 4.32 -15.72 -15.70
N LEU A 13 4.34 -14.42 -15.44
CA LEU A 13 3.09 -13.73 -15.15
C LEU A 13 2.45 -13.60 -16.52
N SER A 14 1.19 -13.18 -16.56
CA SER A 14 0.51 -13.05 -17.84
C SER A 14 0.87 -11.71 -18.51
N GLU A 15 1.54 -10.85 -17.75
CA GLU A 15 1.95 -9.55 -18.25
C GLU A 15 2.81 -8.89 -17.20
N PRO A 16 3.65 -7.93 -17.61
CA PRO A 16 4.51 -7.24 -16.66
C PRO A 16 3.65 -6.62 -15.55
N LEU A 17 4.13 -6.69 -14.31
CA LEU A 17 3.40 -6.12 -13.18
C LEU A 17 3.33 -4.60 -13.31
N LYS A 18 2.12 -4.04 -13.26
CA LYS A 18 1.95 -2.59 -13.37
C LYS A 18 2.27 -1.89 -12.06
N ASP A 19 2.39 -0.56 -12.10
CA ASP A 19 2.70 0.19 -10.90
C ASP A 19 1.68 -0.12 -9.78
N ASN A 20 2.20 -0.22 -8.56
CA ASN A 20 1.39 -0.50 -7.37
C ASN A 20 0.67 -1.85 -7.43
N GLY A 21 1.25 -2.81 -8.17
CA GLY A 21 0.65 -4.13 -8.24
C GLY A 21 0.89 -4.84 -6.91
N ILE A 22 0.12 -5.90 -6.66
CA ILE A 22 0.24 -6.66 -5.42
C ILE A 22 0.38 -8.14 -5.73
N ILE A 23 1.37 -8.81 -5.14
CA ILE A 23 1.53 -10.24 -5.37
C ILE A 23 1.42 -10.97 -4.04
N VAL A 24 0.54 -11.95 -3.99
CA VAL A 24 0.36 -12.72 -2.76
C VAL A 24 0.83 -14.16 -2.95
N PHE A 25 1.73 -14.62 -2.08
CA PHE A 25 2.23 -16.00 -2.14
C PHE A 25 1.52 -16.77 -0.99
N GLN A 26 0.68 -17.75 -1.34
CA GLN A 26 -0.08 -18.51 -0.33
C GLN A 26 0.27 -19.96 -0.10
N SER A 27 0.56 -20.29 1.16
CA SER A 27 0.88 -21.66 1.57
C SER A 27 -0.30 -22.25 2.38
N ASP A 28 -0.38 -23.58 2.47
CA ASP A 28 -1.45 -24.18 3.28
C ASP A 28 -0.83 -24.97 4.42
N LYS A 29 0.46 -24.68 4.68
CA LYS A 29 1.19 -25.32 5.77
C LYS A 29 2.31 -24.42 6.26
N LEU A 30 2.68 -24.60 7.52
CA LEU A 30 3.75 -23.83 8.14
C LEU A 30 4.68 -24.78 8.87
N ASP A 31 5.98 -24.62 8.62
CA ASP A 31 6.97 -25.46 9.28
C ASP A 31 8.16 -24.57 9.61
N LEU A 32 8.24 -24.15 10.88
CA LEU A 32 9.31 -23.28 11.32
C LEU A 32 10.51 -24.04 11.88
N GLU A 33 10.54 -25.35 11.69
CA GLU A 33 11.62 -26.19 12.20
C GLU A 33 12.74 -26.37 11.17
N PRO A 34 13.97 -26.60 11.65
CA PRO A 34 15.06 -26.79 10.70
C PRO A 34 14.76 -27.98 9.81
N SER A 35 15.17 -27.89 8.55
CA SER A 35 14.97 -28.98 7.59
C SER A 35 15.63 -30.26 8.13
N PRO A 36 14.99 -31.43 7.94
CA PRO A 36 15.57 -32.69 8.43
C PRO A 36 17.00 -32.88 7.95
N ASN A 37 17.18 -32.81 6.63
CA ASN A 37 18.50 -32.96 6.02
C ASN A 37 18.99 -31.62 5.49
N LEU A 38 20.23 -31.26 5.82
CA LEU A 38 20.82 -30.01 5.37
C LEU A 38 21.18 -30.10 3.90
N GLY A 39 21.55 -31.30 3.47
CA GLY A 39 21.92 -31.51 2.08
C GLY A 39 23.29 -30.99 1.69
N PRO A 40 23.71 -31.27 0.46
CA PRO A 40 25.02 -30.86 -0.04
C PRO A 40 25.32 -29.38 0.22
N THR A 41 24.41 -28.51 -0.18
CA THR A 41 24.59 -27.08 -0.02
C THR A 41 25.20 -26.73 1.33
N GLY A 42 24.56 -27.17 2.41
CA GLY A 42 25.04 -26.89 3.75
C GLY A 42 24.38 -25.68 4.38
N ILE A 43 23.38 -25.14 3.70
CA ILE A 43 22.64 -23.99 4.20
C ILE A 43 21.13 -24.20 4.09
N ASP A 44 20.42 -23.96 5.19
CA ASP A 44 18.97 -24.16 5.23
C ASP A 44 18.31 -22.92 4.63
N ASN A 45 17.95 -23.01 3.36
CA ASN A 45 17.35 -21.85 2.71
C ASN A 45 16.28 -22.15 1.68
N THR A 46 15.13 -21.51 1.87
CA THR A 46 14.00 -21.63 0.95
C THR A 46 13.69 -20.20 0.57
N ASN A 47 13.36 -19.95 -0.69
CA ASN A 47 13.09 -18.57 -1.10
C ASN A 47 12.10 -18.39 -2.21
N VAL A 48 11.51 -17.21 -2.25
CA VAL A 48 10.64 -16.82 -3.34
C VAL A 48 11.23 -15.57 -3.97
N ASN A 49 11.02 -15.43 -5.27
CA ASN A 49 11.64 -14.34 -6.03
C ASN A 49 10.81 -13.63 -7.10
N LEU A 50 11.04 -12.33 -7.25
CA LEU A 50 10.39 -11.52 -8.29
C LEU A 50 11.50 -11.29 -9.33
N ILE A 51 11.24 -11.65 -10.58
CA ILE A 51 12.25 -11.59 -11.63
C ILE A 51 11.79 -10.79 -12.86
N ASN A 52 12.71 -10.08 -13.51
CA ASN A 52 12.36 -9.31 -14.70
C ASN A 52 12.60 -10.13 -15.96
N ALA A 53 12.29 -9.53 -17.11
CA ALA A 53 12.44 -10.21 -18.40
C ALA A 53 13.86 -10.67 -18.69
N LYS A 54 14.84 -9.89 -18.24
CA LYS A 54 16.25 -10.22 -18.47
C LYS A 54 16.79 -11.33 -17.59
N GLY A 55 16.03 -11.73 -16.58
CA GLY A 55 16.51 -12.77 -15.70
C GLY A 55 17.11 -12.26 -14.41
N ASP A 56 17.03 -10.96 -14.16
CA ASP A 56 17.57 -10.40 -12.93
C ASP A 56 16.52 -10.60 -11.82
N VAL A 57 17.00 -10.88 -10.61
CA VAL A 57 16.11 -11.05 -9.46
C VAL A 57 15.95 -9.70 -8.77
N LEU A 58 14.83 -9.04 -9.04
CA LEU A 58 14.52 -7.74 -8.47
C LEU A 58 14.38 -7.79 -6.96
N LEU A 59 13.79 -8.86 -6.46
CA LEU A 59 13.62 -9.05 -5.02
C LEU A 59 13.72 -10.53 -4.70
N HIS A 60 14.55 -10.83 -3.72
CA HIS A 60 14.79 -12.19 -3.24
C HIS A 60 14.32 -12.24 -1.80
N ILE A 61 13.49 -13.22 -1.47
CA ILE A 61 13.01 -13.36 -0.11
C ILE A 61 13.36 -14.73 0.44
N GLY A 62 14.39 -14.78 1.28
CA GLY A 62 14.82 -16.04 1.84
C GLY A 62 14.44 -16.18 3.29
N ILE A 63 14.05 -17.40 3.65
CA ILE A 63 13.69 -17.75 5.00
C ILE A 63 14.77 -18.68 5.56
N ARG A 64 15.46 -18.21 6.59
CA ARG A 64 16.55 -18.96 7.20
C ARG A 64 16.14 -19.38 8.60
N ARG A 65 15.58 -20.57 8.71
CA ARG A 65 15.10 -21.07 9.98
C ARG A 65 16.21 -21.30 11.02
N ARG A 66 17.36 -21.82 10.60
CA ARG A 66 18.45 -22.06 11.52
C ARG A 66 19.17 -20.76 11.93
N GLU A 67 18.85 -19.66 11.26
CA GLU A 67 19.47 -18.38 11.57
C GLU A 67 18.46 -17.41 12.17
N ASN A 68 17.21 -17.84 12.20
CA ASN A 68 16.12 -17.02 12.73
C ASN A 68 16.05 -15.69 12.00
N ALA A 69 15.98 -15.73 10.67
CA ALA A 69 15.92 -14.48 9.92
C ALA A 69 15.33 -14.56 8.52
N PHE A 70 14.94 -13.38 8.03
CA PHE A 70 14.41 -13.18 6.69
C PHE A 70 15.56 -12.45 6.00
N VAL A 71 15.93 -12.89 4.81
CA VAL A 71 17.00 -12.26 4.06
C VAL A 71 16.47 -11.68 2.75
N PHE A 72 16.58 -10.37 2.60
CA PHE A 72 16.14 -9.71 1.37
C PHE A 72 17.38 -9.31 0.57
N ASN A 73 17.31 -9.44 -0.76
CA ASN A 73 18.46 -9.13 -1.61
C ASN A 73 18.01 -9.01 -3.06
N SER A 74 18.97 -8.72 -3.94
CA SER A 74 18.73 -8.60 -5.38
C SER A 74 19.93 -9.29 -6.04
N ILE A 75 19.71 -9.87 -7.22
CA ILE A 75 20.76 -10.61 -7.90
C ILE A 75 20.75 -10.40 -9.42
N PRO A 76 21.72 -9.64 -9.93
CA PRO A 76 21.82 -9.39 -11.37
C PRO A 76 22.02 -10.73 -12.05
N TYR A 77 21.44 -10.90 -13.23
CA TYR A 77 21.56 -12.18 -13.94
C TYR A 77 23.01 -12.62 -14.14
N GLY A 78 23.31 -13.83 -13.66
CA GLY A 78 24.66 -14.36 -13.81
C GLY A 78 25.73 -13.63 -13.01
N GLU A 79 25.32 -12.86 -12.01
CA GLU A 79 26.28 -12.13 -11.19
C GLU A 79 26.13 -12.47 -9.71
N SER A 80 27.02 -11.93 -8.89
CA SER A 80 26.99 -12.17 -7.45
C SER A 80 25.83 -11.41 -6.83
N ARG A 81 25.38 -11.86 -5.67
CA ARG A 81 24.29 -11.20 -4.97
C ARG A 81 24.83 -9.98 -4.23
N GLY A 82 24.00 -8.96 -4.06
CA GLY A 82 24.43 -7.78 -3.33
C GLY A 82 24.44 -7.93 -1.83
N PRO A 83 24.48 -6.81 -1.10
CA PRO A 83 24.49 -6.82 0.37
C PRO A 83 23.12 -7.27 0.90
N GLU A 84 23.13 -8.11 1.92
CA GLU A 84 21.90 -8.62 2.52
C GLU A 84 21.27 -7.66 3.51
N GLU A 85 19.94 -7.67 3.55
CA GLU A 85 19.19 -6.86 4.49
C GLU A 85 18.40 -7.91 5.27
N ARG A 86 18.59 -7.96 6.59
CA ARG A 86 17.96 -8.97 7.41
C ARG A 86 17.12 -8.46 8.59
N ILE A 87 16.14 -9.25 9.00
CA ILE A 87 15.29 -8.96 10.15
C ILE A 87 14.91 -10.26 10.84
N PRO A 88 14.54 -10.20 12.11
CA PRO A 88 14.18 -11.43 12.82
C PRO A 88 13.02 -12.19 12.18
N LEU A 89 13.08 -13.51 12.29
CA LEU A 89 12.04 -14.37 11.75
C LEU A 89 10.96 -14.68 12.80
N GLU A 90 11.38 -14.85 14.04
CA GLU A 90 10.44 -15.16 15.12
C GLU A 90 9.38 -14.09 15.36
N GLY A 91 8.14 -14.54 15.55
CA GLY A 91 7.07 -13.60 15.81
C GLY A 91 6.34 -13.06 14.61
N THR A 92 6.72 -13.46 13.40
CA THR A 92 6.04 -12.98 12.21
C THR A 92 5.02 -14.04 11.78
N PHE A 93 5.47 -15.29 11.69
CA PHE A 93 4.62 -16.42 11.34
C PHE A 93 4.18 -17.06 12.66
N GLY A 94 3.31 -18.07 12.59
CA GLY A 94 2.86 -18.76 13.79
C GLY A 94 1.48 -18.43 14.30
N ASP A 95 0.79 -17.54 13.62
CA ASP A 95 -0.55 -17.12 14.02
C ASP A 95 -1.65 -17.82 13.23
N ARG A 96 -1.28 -18.47 12.13
CA ARG A 96 -2.28 -19.15 11.32
C ARG A 96 -1.73 -20.32 10.53
N ARG A 97 -2.58 -21.25 10.16
CA ARG A 97 -2.10 -22.45 9.46
C ARG A 97 -1.80 -22.25 7.97
N ASP A 98 -2.40 -21.24 7.37
CA ASP A 98 -2.10 -20.93 5.97
C ASP A 98 -1.33 -19.61 5.85
N PRO A 99 -0.01 -19.64 6.10
CA PRO A 99 0.84 -18.45 6.04
C PRO A 99 0.95 -17.89 4.62
N SER A 100 1.18 -16.58 4.52
CA SER A 100 1.34 -15.92 3.21
C SER A 100 2.36 -14.79 3.26
N ILE A 101 2.98 -14.54 2.11
CA ILE A 101 3.89 -13.43 1.94
C ILE A 101 3.31 -12.50 0.87
N THR A 102 3.04 -11.25 1.24
CA THR A 102 2.45 -10.31 0.30
C THR A 102 3.47 -9.22 -0.05
N ILE A 103 3.55 -8.89 -1.33
CA ILE A 103 4.44 -7.82 -1.77
C ILE A 103 3.65 -6.73 -2.45
N PHE A 104 3.89 -5.51 -2.02
CA PHE A 104 3.16 -4.34 -2.48
C PHE A 104 4.16 -3.47 -3.26
N ASP A 105 3.94 -3.26 -4.54
CA ASP A 105 4.87 -2.46 -5.32
C ASP A 105 4.65 -0.95 -5.19
N HIS A 106 5.75 -0.24 -5.02
CA HIS A 106 5.73 1.22 -4.94
C HIS A 106 6.83 1.68 -5.94
N PRO A 107 6.84 2.97 -6.30
CA PRO A 107 7.84 3.48 -7.24
C PRO A 107 9.30 3.13 -6.93
N ASP A 108 9.72 3.39 -5.70
CA ASP A 108 11.11 3.17 -5.31
C ASP A 108 11.37 2.00 -4.37
N ARG A 109 10.31 1.31 -3.92
CA ARG A 109 10.51 0.23 -2.96
C ARG A 109 9.39 -0.79 -2.94
N TYR A 110 9.66 -1.90 -2.27
CA TYR A 110 8.70 -3.00 -2.14
C TYR A 110 8.23 -3.07 -0.69
N GLN A 111 6.91 -3.09 -0.48
CA GLN A 111 6.36 -3.21 0.86
C GLN A 111 6.12 -4.71 1.06
N ILE A 112 6.69 -5.27 2.13
CA ILE A 112 6.59 -6.70 2.39
C ILE A 112 5.75 -7.01 3.62
N MET A 113 4.76 -7.87 3.45
CA MET A 113 3.87 -8.27 4.54
C MET A 113 3.92 -9.77 4.83
N ILE A 114 3.87 -10.12 6.11
CA ILE A 114 3.80 -11.51 6.52
C ILE A 114 2.44 -11.73 7.17
N ASP A 115 1.64 -12.64 6.61
CA ASP A 115 0.30 -12.87 7.12
C ASP A 115 -0.45 -11.54 7.24
N TYR A 116 -0.28 -10.71 6.20
CA TYR A 116 -0.91 -9.41 6.11
C TYR A 116 -0.50 -8.33 7.10
N LYS A 117 0.69 -8.45 7.65
CA LYS A 117 1.20 -7.44 8.58
C LYS A 117 2.56 -7.00 8.02
N THR A 118 2.69 -5.72 7.74
CA THR A 118 3.93 -5.19 7.18
C THR A 118 5.12 -5.38 8.10
N VAL A 119 6.20 -5.94 7.57
CA VAL A 119 7.39 -6.18 8.36
C VAL A 119 8.64 -5.46 7.80
N TYR A 120 8.57 -4.95 6.58
CA TYR A 120 9.72 -4.29 5.98
C TYR A 120 9.43 -3.56 4.68
N TYR A 121 10.27 -2.58 4.38
CA TYR A 121 10.20 -1.80 3.15
C TYR A 121 11.59 -1.94 2.53
N TYR A 122 11.67 -2.56 1.36
CA TYR A 122 12.95 -2.80 0.69
C TYR A 122 13.15 -1.88 -0.51
N LYS A 123 14.25 -1.12 -0.50
CA LYS A 123 14.53 -0.21 -1.61
C LYS A 123 14.89 -0.98 -2.87
N LYS A 124 14.29 -0.60 -3.98
CA LYS A 124 14.58 -1.27 -5.25
C LYS A 124 16.05 -1.03 -5.60
N ARG A 125 16.68 -2.01 -6.25
CA ARG A 125 18.08 -1.90 -6.64
C ARG A 125 18.28 -2.08 -8.15
N LEU A 126 17.49 -2.95 -8.77
CA LEU A 126 17.64 -3.23 -10.19
C LEU A 126 16.50 -2.69 -11.06
N GLU A 127 16.78 -2.51 -12.34
CA GLU A 127 15.82 -1.91 -13.27
C GLU A 127 14.92 -2.93 -13.96
N GLY A 128 13.76 -2.49 -14.44
CA GLY A 128 12.83 -3.38 -15.11
C GLY A 128 11.65 -3.88 -14.28
N ARG A 129 10.53 -4.17 -14.94
CA ARG A 129 9.32 -4.65 -14.28
C ARG A 129 9.32 -6.17 -14.00
N CYS A 130 8.56 -6.59 -12.99
CA CYS A 130 8.48 -8.01 -12.67
C CYS A 130 7.63 -8.71 -13.73
N GLU A 131 8.13 -9.82 -14.26
CA GLU A 131 7.41 -10.59 -15.27
C GLU A 131 7.42 -12.10 -14.96
N LYS A 132 8.11 -12.50 -13.88
CA LYS A 132 8.21 -13.91 -13.48
C LYS A 132 8.38 -14.01 -11.96
N VAL A 133 8.02 -15.17 -11.40
CA VAL A 133 8.20 -15.42 -9.97
C VAL A 133 8.70 -16.86 -9.83
N SER A 134 9.58 -17.10 -8.87
CA SER A 134 10.11 -18.44 -8.65
C SER A 134 10.07 -18.81 -7.17
N TYR A 135 10.12 -20.12 -6.93
CA TYR A 135 10.07 -20.72 -5.61
C TYR A 135 11.19 -21.76 -5.59
N LYS A 136 12.23 -21.50 -4.79
CA LYS A 136 13.43 -22.34 -4.79
C LYS A 136 13.90 -22.77 -3.41
N ILE A 137 14.67 -23.85 -3.35
CA ILE A 137 15.20 -24.37 -2.10
C ILE A 137 16.50 -25.09 -2.42
N ASN A 138 17.41 -25.16 -1.44
CA ASN A 138 18.67 -25.84 -1.67
C ASN A 138 18.46 -27.34 -1.65
N GLU A 139 19.10 -28.03 -2.60
CA GLU A 139 18.99 -29.48 -2.78
C GLU A 139 18.90 -30.33 -1.49
N GLY A 140 17.97 -31.29 -1.51
CA GLY A 140 17.79 -32.18 -0.39
C GLY A 140 17.03 -31.70 0.83
N GLN A 141 16.68 -30.41 0.87
CA GLN A 141 15.97 -29.88 2.03
C GLN A 141 14.44 -29.92 1.86
N THR A 142 13.74 -29.60 2.94
CA THR A 142 12.29 -29.54 2.95
C THR A 142 11.85 -28.14 3.34
N PRO A 143 10.96 -27.57 2.54
CA PRO A 143 10.49 -26.19 2.75
C PRO A 143 9.69 -25.88 4.00
N PRO A 144 9.58 -24.58 4.33
CA PRO A 144 8.83 -24.11 5.49
C PRO A 144 7.35 -23.94 5.12
N PHE A 145 7.03 -24.19 3.84
CA PHE A 145 5.65 -24.09 3.32
C PHE A 145 5.29 -25.34 2.54
N SER A 146 4.08 -25.36 1.98
CA SER A 146 3.66 -26.50 1.15
C SER A 146 4.60 -26.53 -0.06
N ASP A 147 4.73 -27.70 -0.70
CA ASP A 147 5.61 -27.81 -1.86
C ASP A 147 4.98 -27.25 -3.13
N VAL A 148 3.80 -26.64 -2.99
CA VAL A 148 3.10 -25.99 -4.09
C VAL A 148 2.48 -24.75 -3.45
N LEU A 149 2.56 -23.61 -4.12
CA LEU A 149 2.00 -22.38 -3.60
C LEU A 149 0.98 -21.79 -4.56
N GLY A 150 0.07 -21.01 -4.02
CA GLY A 150 -0.91 -20.34 -4.84
C GLY A 150 -0.41 -18.91 -4.92
N VAL A 151 -0.33 -18.35 -6.12
CA VAL A 151 0.16 -16.98 -6.30
C VAL A 151 -0.88 -16.14 -7.00
N THR A 152 -1.28 -15.05 -6.36
CA THR A 152 -2.29 -14.18 -6.94
C THR A 152 -1.75 -12.77 -7.21
N VAL A 153 -2.07 -12.23 -8.37
CA VAL A 153 -1.64 -10.89 -8.73
C VAL A 153 -2.89 -10.03 -8.84
N LEU A 154 -2.90 -8.89 -8.15
CA LEU A 154 -4.04 -8.01 -8.23
C LEU A 154 -3.69 -6.57 -7.93
N TYR A 155 -4.66 -5.69 -8.12
CA TYR A 155 -4.47 -4.28 -7.85
C TYR A 155 -5.52 -3.78 -6.87
N PHE A 156 -5.18 -2.74 -6.15
CA PHE A 156 -6.08 -2.22 -5.12
C PHE A 156 -7.52 -2.09 -5.60
N ALA A 157 -7.70 -1.64 -6.84
CA ALA A 157 -9.03 -1.48 -7.41
C ALA A 157 -9.80 -2.80 -7.38
N ASN A 158 -9.09 -3.91 -7.55
CA ASN A 158 -9.69 -5.23 -7.54
C ASN A 158 -10.35 -5.56 -6.21
N VAL A 159 -9.60 -5.38 -5.12
CA VAL A 159 -10.12 -5.62 -3.78
C VAL A 159 -10.88 -4.41 -3.24
N MET A 160 -11.90 -4.01 -3.99
CA MET A 160 -12.76 -2.86 -3.65
C MET A 160 -13.86 -2.89 -4.72
N PRO A 161 -15.03 -2.38 -4.37
CA PRO A 161 -16.23 -2.50 -5.21
C PRO A 161 -16.12 -1.86 -6.58
N ARG A 162 -16.31 -2.69 -7.60
CA ARG A 162 -16.46 -2.25 -8.96
C ARG A 162 -15.63 -2.95 -9.99
N ALA A 163 -15.82 -2.55 -11.24
CA ALA A 163 -15.04 -3.18 -12.29
C ALA A 163 -14.58 -2.17 -13.33
N MET B 1 -14.71 0.26 9.90
CA MET B 1 -15.44 1.27 10.65
C MET B 1 -15.96 2.32 9.68
N PHE B 2 -17.28 2.49 9.65
CA PHE B 2 -17.91 3.46 8.75
C PHE B 2 -18.30 4.72 9.53
N HIS B 3 -18.19 5.86 8.86
CA HIS B 3 -18.54 7.14 9.47
C HIS B 3 -19.26 8.01 8.45
N ILE B 4 -20.20 8.82 8.92
CA ILE B 4 -20.90 9.78 8.06
C ILE B 4 -20.24 11.14 8.23
N LEU B 5 -19.77 11.72 7.13
CA LEU B 5 -19.08 13.02 7.20
C LEU B 5 -19.82 14.10 6.41
N ARG B 6 -20.45 15.01 7.14
CA ARG B 6 -21.20 16.10 6.53
C ARG B 6 -20.29 17.29 6.20
N LEU B 7 -20.60 17.99 5.11
CA LEU B 7 -19.82 19.14 4.70
C LEU B 7 -19.75 20.16 5.83
N GLU B 8 -18.56 20.66 6.08
CA GLU B 8 -18.32 21.66 7.12
C GLU B 8 -18.42 21.11 8.54
N SER B 9 -17.96 19.88 8.75
CA SER B 9 -17.98 19.30 10.07
C SER B 9 -16.77 18.42 10.26
N THR B 10 -16.54 18.04 11.51
CA THR B 10 -15.42 17.20 11.88
C THR B 10 -15.97 15.96 12.60
N VAL B 11 -15.40 14.80 12.31
CA VAL B 11 -15.84 13.55 12.91
C VAL B 11 -14.69 12.77 13.56
N ASP B 12 -14.90 12.26 14.76
CA ASP B 12 -13.87 11.50 15.44
C ASP B 12 -13.84 10.06 14.96
N LEU B 13 -12.66 9.45 15.00
CA LEU B 13 -12.52 8.06 14.61
C LEU B 13 -12.72 7.24 15.88
N SER B 14 -13.01 5.96 15.74
CA SER B 14 -13.24 5.08 16.89
C SER B 14 -12.03 5.00 17.79
N GLU B 15 -10.85 5.10 17.19
CA GLU B 15 -9.59 5.02 17.92
C GLU B 15 -8.49 5.58 17.01
N PRO B 16 -7.31 5.86 17.58
CA PRO B 16 -6.21 6.38 16.76
C PRO B 16 -5.88 5.42 15.63
N LEU B 17 -5.69 5.96 14.43
CA LEU B 17 -5.36 5.12 13.28
C LEU B 17 -4.03 4.43 13.51
N LYS B 18 -4.02 3.11 13.39
CA LYS B 18 -2.81 2.32 13.61
C LYS B 18 -1.96 2.29 12.34
N ASP B 19 -0.72 1.82 12.48
CA ASP B 19 0.20 1.72 11.36
C ASP B 19 -0.43 1.04 10.15
N ASN B 20 -0.22 1.64 8.99
CA ASN B 20 -0.74 1.09 7.74
C ASN B 20 -2.25 1.14 7.59
N GLY B 21 -2.91 2.01 8.34
CA GLY B 21 -4.35 2.14 8.22
C GLY B 21 -4.73 2.72 6.87
N ILE B 22 -5.96 2.47 6.45
CA ILE B 22 -6.47 2.98 5.19
C ILE B 22 -7.75 3.74 5.44
N ILE B 23 -7.84 4.95 4.87
CA ILE B 23 -9.04 5.76 5.04
C ILE B 23 -9.61 6.07 3.68
N VAL B 24 -10.88 5.73 3.47
CA VAL B 24 -11.53 5.96 2.20
C VAL B 24 -12.66 6.98 2.28
N PHE B 25 -12.55 8.07 1.52
CA PHE B 25 -13.59 9.10 1.48
C PHE B 25 -14.43 8.83 0.23
N GLN B 26 -15.73 8.58 0.41
CA GLN B 26 -16.61 8.27 -0.71
C GLN B 26 -17.69 9.29 -0.97
N SER B 27 -17.85 9.65 -2.24
CA SER B 27 -18.86 10.60 -2.68
C SER B 27 -19.82 9.90 -3.62
N ASP B 28 -21.08 10.31 -3.65
CA ASP B 28 -22.01 9.70 -4.58
C ASP B 28 -22.20 10.61 -5.79
N LYS B 29 -21.34 11.62 -5.89
CA LYS B 29 -21.45 12.59 -6.98
C LYS B 29 -20.13 13.26 -7.38
N LEU B 30 -20.02 13.62 -8.66
CA LEU B 30 -18.83 14.28 -9.20
C LEU B 30 -19.19 15.47 -10.08
N ASP B 31 -18.69 16.66 -9.74
CA ASP B 31 -18.95 17.85 -10.53
C ASP B 31 -17.70 18.71 -10.60
N LEU B 32 -16.92 18.52 -11.66
CA LEU B 32 -15.67 19.25 -11.83
C LEU B 32 -15.85 20.67 -12.38
N GLU B 33 -17.09 21.06 -12.63
CA GLU B 33 -17.35 22.42 -13.10
C GLU B 33 -17.07 23.32 -11.89
N PRO B 34 -16.42 24.47 -12.11
CA PRO B 34 -16.13 25.37 -11.00
C PRO B 34 -17.37 25.86 -10.26
N SER B 35 -17.21 26.17 -8.98
CA SER B 35 -18.32 26.66 -8.16
C SER B 35 -18.83 27.99 -8.72
N PRO B 36 -20.14 28.09 -9.00
CA PRO B 36 -20.69 29.33 -9.56
C PRO B 36 -20.31 30.58 -8.74
N ASN B 37 -20.43 30.48 -7.42
CA ASN B 37 -20.10 31.60 -6.53
C ASN B 37 -18.78 31.33 -5.82
N LEU B 38 -18.02 32.40 -5.54
CA LEU B 38 -16.71 32.26 -4.90
C LEU B 38 -16.66 32.82 -3.49
N GLY B 39 -17.68 33.56 -3.08
CA GLY B 39 -17.68 34.12 -1.74
C GLY B 39 -16.55 35.11 -1.51
N PRO B 40 -16.29 35.50 -0.25
CA PRO B 40 -15.25 36.45 0.17
C PRO B 40 -13.77 36.09 -0.08
N THR B 41 -13.43 34.81 -0.21
CA THR B 41 -12.03 34.43 -0.44
C THR B 41 -11.61 34.56 -1.90
N GLY B 42 -12.57 34.45 -2.80
CA GLY B 42 -12.29 34.56 -4.23
C GLY B 42 -11.51 33.37 -4.79
N ILE B 43 -11.42 32.30 -4.00
CA ILE B 43 -10.71 31.08 -4.38
C ILE B 43 -11.59 29.83 -4.23
N ASP B 44 -11.79 29.11 -5.33
CA ASP B 44 -12.61 27.89 -5.33
C ASP B 44 -11.88 26.76 -4.61
N ASN B 45 -12.27 26.49 -3.37
CA ASN B 45 -11.58 25.45 -2.61
C ASN B 45 -12.41 24.56 -1.66
N THR B 46 -12.38 23.24 -1.90
CA THR B 46 -13.05 22.25 -1.06
C THR B 46 -11.95 21.29 -0.64
N ASN B 47 -11.92 20.92 0.64
CA ASN B 47 -10.87 20.03 1.12
C ASN B 47 -11.28 18.98 2.14
N VAL B 48 -10.46 17.94 2.25
CA VAL B 48 -10.63 16.95 3.30
C VAL B 48 -9.32 16.89 4.07
N ASN B 49 -9.45 16.64 5.37
CA ASN B 49 -8.29 16.66 6.25
C ASN B 49 -8.15 15.51 7.26
N LEU B 50 -6.91 15.14 7.57
CA LEU B 50 -6.61 14.12 8.58
C LEU B 50 -6.04 14.96 9.73
N ILE B 51 -6.64 14.84 10.90
CA ILE B 51 -6.26 15.66 12.05
C ILE B 51 -5.79 14.80 13.22
N ASN B 52 -4.84 15.31 14.00
CA ASN B 52 -4.34 14.56 15.14
C ASN B 52 -5.06 14.99 16.42
N ALA B 53 -4.71 14.37 17.53
CA ALA B 53 -5.35 14.68 18.80
C ALA B 53 -5.25 16.12 19.29
N LYS B 54 -4.20 16.84 18.90
CA LYS B 54 -4.06 18.22 19.36
C LYS B 54 -4.45 19.31 18.37
N GLY B 55 -5.25 18.95 17.38
CA GLY B 55 -5.70 19.92 16.40
C GLY B 55 -4.85 20.17 15.18
N ASP B 56 -3.69 19.52 15.08
CA ASP B 56 -2.83 19.70 13.92
C ASP B 56 -3.40 18.95 12.71
N VAL B 57 -3.37 19.59 11.55
CA VAL B 57 -3.83 18.94 10.32
C VAL B 57 -2.62 18.21 9.74
N LEU B 58 -2.60 16.89 9.92
CA LEU B 58 -1.51 16.05 9.43
C LEU B 58 -1.40 16.08 7.92
N LEU B 59 -2.55 16.07 7.26
CA LEU B 59 -2.62 16.09 5.80
C LEU B 59 -3.88 16.81 5.36
N HIS B 60 -3.69 17.79 4.48
CA HIS B 60 -4.77 18.61 3.94
C HIS B 60 -4.83 18.27 2.46
N ILE B 61 -5.99 17.91 1.95
CA ILE B 61 -6.15 17.60 0.54
C ILE B 61 -7.18 18.52 -0.10
N GLY B 62 -6.71 19.46 -0.92
CA GLY B 62 -7.62 20.37 -1.58
C GLY B 62 -7.82 20.13 -3.05
N ILE B 63 -9.03 20.45 -3.50
CA ILE B 63 -9.41 20.37 -4.90
C ILE B 63 -9.67 21.79 -5.40
N ARG B 64 -8.83 22.22 -6.35
CA ARG B 64 -8.91 23.57 -6.91
C ARG B 64 -9.36 23.49 -8.37
N ARG B 65 -10.67 23.53 -8.59
CA ARG B 65 -11.21 23.43 -9.93
C ARG B 65 -10.89 24.61 -10.87
N ARG B 66 -10.46 25.75 -10.34
CA ARG B 66 -10.13 26.91 -11.19
C ARG B 66 -8.63 26.98 -11.49
N GLU B 67 -7.86 26.11 -10.84
CA GLU B 67 -6.41 26.05 -11.00
C GLU B 67 -5.94 24.70 -11.53
N ASN B 68 -6.90 23.84 -11.85
CA ASN B 68 -6.59 22.50 -12.38
C ASN B 68 -5.52 21.75 -11.61
N ALA B 69 -5.79 21.44 -10.34
CA ALA B 69 -4.82 20.71 -9.53
C ALA B 69 -5.28 20.38 -8.11
N PHE B 70 -4.61 19.41 -7.51
CA PHE B 70 -4.80 19.08 -6.10
C PHE B 70 -3.74 19.84 -5.31
N VAL B 71 -4.06 20.19 -4.07
CA VAL B 71 -3.09 20.87 -3.23
C VAL B 71 -2.94 20.11 -1.92
N PHE B 72 -1.72 19.66 -1.63
CA PHE B 72 -1.45 18.94 -0.39
C PHE B 72 -0.62 19.79 0.55
N ASN B 73 -0.93 19.73 1.85
CA ASN B 73 -0.20 20.53 2.83
C ASN B 73 -0.43 19.98 4.26
N SER B 74 0.17 20.64 5.25
CA SER B 74 0.02 20.30 6.66
C SER B 74 -0.13 21.62 7.39
N ILE B 75 -0.89 21.63 8.49
CA ILE B 75 -1.14 22.87 9.22
C ILE B 75 -1.12 22.70 10.73
N PRO B 76 -0.04 23.12 11.38
CA PRO B 76 0.06 23.01 12.84
C PRO B 76 -1.07 23.82 13.48
N TYR B 77 -1.63 23.30 14.57
CA TYR B 77 -2.73 23.99 15.24
C TYR B 77 -2.37 25.42 15.64
N GLY B 78 -3.22 26.36 15.27
CA GLY B 78 -3.00 27.75 15.60
C GLY B 78 -1.96 28.48 14.76
N GLU B 79 -1.29 27.75 13.87
CA GLU B 79 -0.27 28.36 13.03
C GLU B 79 -0.69 28.45 11.57
N SER B 80 0.24 28.91 10.71
CA SER B 80 -0.05 29.03 9.29
C SER B 80 0.43 27.79 8.54
N ARG B 81 -0.25 27.48 7.44
CA ARG B 81 0.11 26.31 6.64
C ARG B 81 1.52 26.42 6.09
N GLY B 82 2.12 25.28 5.75
CA GLY B 82 3.47 25.27 5.21
C GLY B 82 3.42 25.40 3.70
N PRO B 83 4.50 25.02 3.00
CA PRO B 83 4.56 25.10 1.54
C PRO B 83 3.60 24.11 0.85
N GLU B 84 2.97 24.54 -0.23
CA GLU B 84 2.03 23.69 -0.96
C GLU B 84 2.72 22.71 -1.90
N GLU B 85 2.12 21.54 -2.07
CA GLU B 85 2.64 20.52 -2.97
C GLU B 85 1.46 20.23 -3.90
N ARG B 86 1.66 20.43 -5.20
CA ARG B 86 0.59 20.25 -6.16
C ARG B 86 0.81 19.20 -7.24
N ILE B 87 -0.29 18.77 -7.84
CA ILE B 87 -0.27 17.86 -8.97
C ILE B 87 -1.51 18.22 -9.78
N PRO B 88 -1.53 17.85 -11.06
CA PRO B 88 -2.68 18.21 -11.89
C PRO B 88 -3.97 17.51 -11.42
N LEU B 89 -5.11 18.16 -11.65
CA LEU B 89 -6.41 17.59 -11.25
C LEU B 89 -6.95 16.78 -12.44
N GLU B 90 -6.72 17.32 -13.63
CA GLU B 90 -7.14 16.73 -14.88
C GLU B 90 -6.60 15.31 -15.03
N GLY B 91 -7.45 14.40 -15.49
CA GLY B 91 -7.02 13.03 -15.72
C GLY B 91 -7.02 12.10 -14.51
N THR B 92 -7.54 12.56 -13.37
CA THR B 92 -7.58 11.72 -12.18
C THR B 92 -8.98 11.14 -11.96
N PHE B 93 -9.97 12.02 -11.84
CA PHE B 93 -11.36 11.60 -11.70
C PHE B 93 -11.85 11.32 -13.10
N GLY B 94 -13.17 11.24 -13.29
CA GLY B 94 -13.70 11.03 -14.62
C GLY B 94 -14.33 9.72 -15.05
N ASP B 95 -13.85 8.61 -14.51
CA ASP B 95 -14.33 7.29 -14.92
C ASP B 95 -15.29 6.65 -13.91
N ARG B 96 -16.25 7.44 -13.43
CA ARG B 96 -17.23 6.96 -12.47
C ARG B 96 -18.04 8.18 -12.05
N ARG B 97 -19.19 7.95 -11.43
CA ARG B 97 -20.03 9.04 -10.97
C ARG B 97 -20.04 9.03 -9.46
N ASP B 98 -19.25 8.13 -8.88
CA ASP B 98 -19.15 8.06 -7.44
C ASP B 98 -17.66 7.99 -7.09
N PRO B 99 -16.97 9.15 -7.16
CA PRO B 99 -15.54 9.32 -6.88
C PRO B 99 -15.12 9.08 -5.43
N SER B 100 -13.88 8.66 -5.25
CA SER B 100 -13.35 8.40 -3.92
C SER B 100 -11.88 8.85 -3.77
N ILE B 101 -11.53 9.23 -2.56
CA ILE B 101 -10.15 9.59 -2.22
C ILE B 101 -9.70 8.63 -1.14
N THR B 102 -8.63 7.89 -1.42
CA THR B 102 -8.12 6.91 -0.47
C THR B 102 -6.72 7.27 0.01
N ILE B 103 -6.50 7.19 1.32
CA ILE B 103 -5.21 7.45 1.91
C ILE B 103 -4.68 6.19 2.56
N PHE B 104 -3.50 5.74 2.15
CA PHE B 104 -2.89 4.55 2.72
C PHE B 104 -1.68 5.02 3.54
N ASP B 105 -1.73 4.77 4.85
CA ASP B 105 -0.65 5.19 5.74
C ASP B 105 0.61 4.36 5.66
N HIS B 106 1.75 5.02 5.82
CA HIS B 106 3.05 4.36 5.83
C HIS B 106 3.84 5.04 6.95
N PRO B 107 4.95 4.44 7.38
CA PRO B 107 5.75 5.03 8.46
C PRO B 107 6.13 6.51 8.30
N ASP B 108 6.61 6.88 7.12
CA ASP B 108 7.09 8.23 6.90
C ASP B 108 6.30 9.03 5.86
N ARG B 109 5.27 8.43 5.28
CA ARG B 109 4.54 9.13 4.23
C ARG B 109 3.13 8.60 3.96
N TYR B 110 2.34 9.41 3.25
CA TYR B 110 0.97 9.06 2.89
C TYR B 110 0.82 8.76 1.41
N GLN B 111 0.27 7.61 1.08
CA GLN B 111 0.02 7.23 -0.30
C GLN B 111 -1.43 7.67 -0.59
N ILE B 112 -1.59 8.50 -1.61
CA ILE B 112 -2.89 9.06 -1.95
C ILE B 112 -3.43 8.51 -3.26
N MET B 113 -4.68 8.06 -3.23
CA MET B 113 -5.34 7.48 -4.39
C MET B 113 -6.65 8.16 -4.79
N ILE B 114 -6.85 8.32 -6.10
CA ILE B 114 -8.08 8.85 -6.63
C ILE B 114 -8.76 7.74 -7.41
N ASP B 115 -9.95 7.38 -6.99
CA ASP B 115 -10.67 6.27 -7.60
C ASP B 115 -9.81 5.01 -7.60
N TYR B 116 -9.08 4.81 -6.50
CA TYR B 116 -8.21 3.66 -6.27
C TYR B 116 -6.95 3.55 -7.14
N LYS B 117 -6.52 4.68 -7.69
CA LYS B 117 -5.29 4.72 -8.49
C LYS B 117 -4.38 5.72 -7.80
N THR B 118 -3.19 5.27 -7.43
CA THR B 118 -2.25 6.14 -6.75
C THR B 118 -1.87 7.34 -7.62
N VAL B 119 -1.94 8.55 -7.06
CA VAL B 119 -1.57 9.75 -7.81
C VAL B 119 -0.46 10.53 -7.12
N TYR B 120 -0.15 10.19 -5.86
CA TYR B 120 0.90 10.93 -5.14
C TYR B 120 1.33 10.28 -3.83
N TYR B 121 2.55 10.61 -3.40
CA TYR B 121 3.10 10.14 -2.13
C TYR B 121 3.55 11.39 -1.38
N TYR B 122 2.83 11.72 -0.30
CA TYR B 122 3.13 12.91 0.50
C TYR B 122 3.95 12.57 1.73
N LYS B 123 5.11 13.21 1.85
CA LYS B 123 5.98 12.98 2.98
C LYS B 123 5.43 13.65 4.26
N LYS B 124 5.32 12.89 5.33
CA LYS B 124 4.78 13.42 6.59
C LYS B 124 5.60 14.60 7.12
N ARG B 125 4.92 15.56 7.73
CA ARG B 125 5.58 16.73 8.31
C ARG B 125 5.34 16.90 9.81
N LEU B 126 4.20 16.40 10.31
CA LEU B 126 3.90 16.56 11.73
C LEU B 126 3.85 15.23 12.48
N GLU B 127 3.87 15.31 13.80
CA GLU B 127 3.84 14.12 14.64
C GLU B 127 2.44 13.80 15.17
N GLY B 128 2.25 12.56 15.61
CA GLY B 128 0.96 12.15 16.15
C GLY B 128 0.11 11.35 15.18
N ARG B 129 -0.69 10.44 15.71
CA ARG B 129 -1.58 9.61 14.88
C ARG B 129 -2.85 10.35 14.55
N CYS B 130 -3.47 10.00 13.43
CA CYS B 130 -4.72 10.62 13.02
C CYS B 130 -5.86 10.16 13.93
N GLU B 131 -6.64 11.09 14.45
CA GLU B 131 -7.75 10.75 15.32
C GLU B 131 -9.07 11.37 14.89
N LYS B 132 -9.03 12.24 13.89
CA LYS B 132 -10.22 12.89 13.36
C LYS B 132 -10.07 13.18 11.87
N VAL B 133 -11.19 13.37 11.19
CA VAL B 133 -11.17 13.74 9.78
C VAL B 133 -12.19 14.86 9.62
N SER B 134 -12.01 15.69 8.60
CA SER B 134 -12.95 16.79 8.37
C SER B 134 -13.16 17.03 6.89
N TYR B 135 -14.28 17.68 6.57
CA TYR B 135 -14.65 18.01 5.21
C TYR B 135 -15.06 19.49 5.24
N LYS B 136 -14.27 20.34 4.59
CA LYS B 136 -14.50 21.80 4.59
C LYS B 136 -14.58 22.44 3.20
N ILE B 137 -15.19 23.62 3.15
CA ILE B 137 -15.30 24.38 1.91
C ILE B 137 -15.21 25.88 2.23
N ASN B 138 -14.68 26.66 1.31
CA ASN B 138 -14.56 28.10 1.54
C ASN B 138 -15.97 28.70 1.52
N GLU B 139 -16.22 29.66 2.41
CA GLU B 139 -17.53 30.29 2.56
C GLU B 139 -18.27 30.62 1.25
N GLY B 140 -19.56 30.32 1.22
CA GLY B 140 -20.41 30.63 0.08
C GLY B 140 -20.32 29.82 -1.20
N GLN B 141 -19.48 28.78 -1.23
CA GLN B 141 -19.32 27.97 -2.44
C GLN B 141 -20.02 26.61 -2.38
N THR B 142 -20.10 25.94 -3.53
CA THR B 142 -20.69 24.60 -3.64
C THR B 142 -19.52 23.66 -3.99
N PRO B 143 -19.47 22.47 -3.38
CA PRO B 143 -18.41 21.49 -3.61
C PRO B 143 -18.50 20.66 -4.87
N PRO B 144 -17.44 19.90 -5.19
CA PRO B 144 -17.38 19.04 -6.38
C PRO B 144 -17.91 17.63 -6.05
N PHE B 145 -18.26 17.42 -4.79
CA PHE B 145 -18.80 16.13 -4.32
C PHE B 145 -20.15 16.36 -3.65
N SER B 146 -20.76 15.28 -3.19
CA SER B 146 -22.05 15.35 -2.50
C SER B 146 -21.80 16.06 -1.16
N ASP B 147 -22.82 16.70 -0.60
CA ASP B 147 -22.63 17.40 0.68
C ASP B 147 -22.47 16.49 1.87
N VAL B 148 -22.47 15.18 1.64
CA VAL B 148 -22.24 14.21 2.70
C VAL B 148 -21.36 13.12 2.11
N LEU B 149 -20.32 12.73 2.85
CA LEU B 149 -19.41 11.69 2.38
C LEU B 149 -19.43 10.50 3.31
N GLY B 150 -19.15 9.33 2.74
CA GLY B 150 -19.08 8.12 3.54
C GLY B 150 -17.61 7.87 3.78
N VAL B 151 -17.21 7.74 5.03
CA VAL B 151 -15.81 7.50 5.35
C VAL B 151 -15.60 6.14 6.00
N THR B 152 -14.69 5.36 5.41
CA THR B 152 -14.40 4.02 5.92
C THR B 152 -12.94 3.89 6.31
N VAL B 153 -12.72 3.37 7.52
CA VAL B 153 -11.37 3.14 8.04
C VAL B 153 -11.19 1.63 8.12
N LEU B 154 -10.12 1.12 7.51
CA LEU B 154 -9.86 -0.31 7.55
C LEU B 154 -8.37 -0.60 7.42
N TYR B 155 -8.05 -1.88 7.39
CA TYR B 155 -6.67 -2.34 7.27
C TYR B 155 -6.60 -3.45 6.22
N PHE B 156 -5.40 -3.66 5.68
CA PHE B 156 -5.24 -4.64 4.61
C PHE B 156 -5.78 -6.02 4.96
N ALA B 157 -5.58 -6.44 6.20
CA ALA B 157 -6.08 -7.76 6.64
C ALA B 157 -7.60 -7.87 6.45
N ASN B 158 -8.31 -6.78 6.69
CA ASN B 158 -9.77 -6.75 6.58
C ASN B 158 -10.27 -7.08 5.18
N VAL B 159 -9.48 -6.79 4.15
CA VAL B 159 -9.88 -7.07 2.78
C VAL B 159 -9.27 -8.37 2.26
N MET B 160 -8.74 -9.17 3.18
CA MET B 160 -8.17 -10.47 2.84
C MET B 160 -8.65 -11.54 3.82
N PRO B 161 -8.61 -12.79 3.36
CA PRO B 161 -9.33 -13.89 4.01
C PRO B 161 -8.87 -14.33 5.40
N ARG B 162 -9.82 -14.86 6.17
CA ARG B 162 -9.56 -15.48 7.45
C ARG B 162 -9.01 -14.47 8.43
N ALA B 163 -7.90 -14.73 9.04
CA ALA B 163 -7.41 -14.14 10.28
C ALA B 163 -6.75 -15.04 11.31
#